data_7BB0
#
_entry.id   7BB0
#
_cell.length_a   58.764
_cell.length_b   73.389
_cell.length_c   110.885
_cell.angle_alpha   90.000
_cell.angle_beta   90.000
_cell.angle_gamma   90.000
#
_symmetry.space_group_name_H-M   'P 21 21 21'
#
loop_
_entity.id
_entity.type
_entity.pdbx_description
1 polymer 'cAMP-dependent protein kinase catalytic subunit alpha'
2 polymer 'cAMP-dependent protein kinase inhibitor alpha'
3 non-polymer '(R)-3,3-dimethyl-5-oxo-5-(6-(3-(pyridin-4-yl)-1,2,4-oxadiazol-5-yl)-1,4,6,7-tetrahydro-5H-imidazo[4,5-c]pyridin-5-yl)pentanoic acid'
4 water water
#
loop_
_entity_poly.entity_id
_entity_poly.type
_entity_poly.pdbx_seq_one_letter_code
_entity_poly.pdbx_strand_id
1 'polypeptide(L)'
;GHMGNAAAAKKG(SEP)EQESVKEFLAKAKEEFLKKWESPSQNTAQLDHFDRIKTLGTGSFGRVMLVKHKETGNHYAMKI
LDKQKVVKLKQIEHTLNEKRILQAVNFPFLVKLEFSFKDNSNLYMVMEYVPGGEMFSHLRRIGRFSEPHARFYAAQIVLT
FEYLHSLDLIYRDLKPENLLIDQQGYIQVTDFGFAKRVKGRTW(TPO)LCGTPEYLAPEIILSKGYNKAVDWWALGVLIY
EMAAGYPPFFADQPIQIYEKIVSGKVRFPSHFSSDLKDLLRNLLQVDLTKRFGNLKNGVNDIKNHKWFATTDWIAIYQRK
VEAPFIPKFKGPGDTSNFDDYEEEEIRV(SEP)INEKCGKEFTEF
;
A
2 'polypeptide(L)' TTYADFIASGRTGRRNAIHD B
#
loop_
_chem_comp.id
_chem_comp.type
_chem_comp.name
_chem_comp.formula
T7W non-polymer '(R)-3,3-dimethyl-5-oxo-5-(6-(3-(pyridin-4-yl)-1,2,4-oxadiazol-5-yl)-1,4,6,7-tetrahydro-5H-imidazo[4,5-c]pyridin-5-yl)pentanoic acid' 'C20 H22 N6 O4'
#
# COMPACT_ATOMS: atom_id res chain seq x y z
N GLY A 1 -21.54 -8.41 -30.24
CA GLY A 1 -20.63 -7.62 -29.43
C GLY A 1 -19.43 -8.41 -28.95
N HIS A 2 -18.73 -7.89 -27.94
CA HIS A 2 -17.54 -8.60 -27.47
C HIS A 2 -17.90 -9.82 -26.64
N MET A 3 -18.95 -9.73 -25.83
CA MET A 3 -19.37 -10.83 -24.97
C MET A 3 -20.63 -11.48 -25.50
N GLY A 4 -20.62 -12.81 -25.58
CA GLY A 4 -21.84 -13.55 -25.76
C GLY A 4 -22.74 -13.43 -24.56
N ASN A 5 -23.95 -13.98 -24.68
CA ASN A 5 -24.98 -13.76 -23.68
C ASN A 5 -24.56 -14.30 -22.32
N ALA A 6 -24.05 -15.54 -22.28
CA ALA A 6 -23.66 -16.16 -21.02
C ALA A 6 -22.50 -15.43 -20.36
N ALA A 7 -21.55 -14.94 -21.16
CA ALA A 7 -20.42 -14.21 -20.59
C ALA A 7 -20.85 -12.85 -20.05
N ALA A 8 -21.76 -12.17 -20.76
CA ALA A 8 -22.27 -10.89 -20.28
C ALA A 8 -23.08 -11.08 -18.99
N ALA A 9 -23.88 -12.15 -18.93
CA ALA A 9 -24.68 -12.39 -17.74
C ALA A 9 -23.80 -12.68 -16.52
N LYS A 10 -22.76 -13.51 -16.70
CA LYS A 10 -21.85 -13.84 -15.60
C LYS A 10 -21.10 -12.60 -15.11
N LYS A 11 -20.63 -11.77 -16.03
CA LYS A 11 -19.93 -10.54 -15.65
C LYS A 11 -20.86 -9.60 -14.87
N GLY A 12 -22.06 -9.39 -15.39
CA GLY A 12 -23.02 -8.55 -14.70
C GLY A 12 -23.36 -9.01 -13.30
N SEP A 13 -23.49 -10.33 -13.13
CA SEP A 13 -23.81 -10.86 -11.81
CB SEP A 13 -24.26 -12.32 -11.89
OG SEP A 13 -24.17 -12.93 -10.61
C SEP A 13 -22.62 -10.70 -10.86
O SEP A 13 -22.79 -10.46 -9.68
P SEP A 13 -25.33 -14.03 -10.38
O1P SEP A 13 -25.02 -14.70 -8.95
O2P SEP A 13 -25.22 -15.12 -11.56
O3P SEP A 13 -26.77 -13.35 -10.36
N GLU A 14 -21.42 -10.85 -11.42
CA GLU A 14 -20.19 -10.70 -10.62
C GLU A 14 -20.07 -9.27 -10.10
N GLN A 15 -20.38 -8.29 -10.96
CA GLN A 15 -20.29 -6.89 -10.55
C GLN A 15 -21.36 -6.53 -9.52
N GLU A 16 -22.55 -7.13 -9.62
CA GLU A 16 -23.58 -6.87 -8.62
C GLU A 16 -23.20 -7.48 -7.27
N SER A 17 -22.55 -8.63 -7.28
CA SER A 17 -22.10 -9.25 -6.04
C SER A 17 -21.02 -8.42 -5.36
N VAL A 18 -20.13 -7.82 -6.15
CA VAL A 18 -19.13 -6.90 -5.59
C VAL A 18 -19.81 -5.74 -4.88
N LYS A 19 -20.83 -5.15 -5.52
CA LYS A 19 -21.57 -4.05 -4.90
C LYS A 19 -22.21 -4.49 -3.58
N GLU A 20 -22.80 -5.68 -3.56
CA GLU A 20 -23.37 -6.21 -2.33
C GLU A 20 -22.31 -6.37 -1.25
N PHE A 21 -21.12 -6.86 -1.63
CA PHE A 21 -20.03 -7.00 -0.66
C PHE A 21 -19.60 -5.64 -0.11
N LEU A 22 -19.38 -4.68 -0.99
CA LEU A 22 -18.89 -3.37 -0.56
C LEU A 22 -19.89 -2.66 0.35
N ALA A 23 -21.19 -2.86 0.10
CA ALA A 23 -22.19 -2.25 0.96
C ALA A 23 -22.07 -2.78 2.38
N LYS A 24 -22.00 -4.10 2.52
CA LYS A 24 -21.84 -4.69 3.85
C LYS A 24 -20.52 -4.28 4.49
N ALA A 25 -19.46 -4.20 3.70
CA ALA A 25 -18.15 -3.85 4.24
C ALA A 25 -18.11 -2.40 4.72
N LYS A 26 -18.79 -1.49 4.02
CA LYS A 26 -18.83 -0.11 4.49
C LYS A 26 -19.61 -0.01 5.80
N GLU A 27 -20.63 -0.85 5.98
CA GLU A 27 -21.39 -0.85 7.23
C GLU A 27 -20.53 -1.33 8.40
N GLU A 28 -19.70 -2.36 8.17
CA GLU A 28 -18.78 -2.82 9.22
C GLU A 28 -17.74 -1.76 9.52
N PHE A 29 -17.17 -1.15 8.48
CA PHE A 29 -16.15 -0.13 8.68
C PHE A 29 -16.68 1.01 9.54
N LEU A 30 -17.86 1.52 9.20
CA LEU A 30 -18.40 2.69 9.89
C LEU A 30 -18.66 2.40 11.37
N LYS A 31 -19.14 1.19 11.68
CA LYS A 31 -19.38 0.83 13.06
C LYS A 31 -18.09 0.90 13.88
N LYS A 32 -17.00 0.35 13.35
CA LYS A 32 -15.73 0.40 14.07
C LYS A 32 -15.14 1.82 14.06
N TRP A 33 -15.28 2.52 12.93
CA TRP A 33 -14.84 3.90 12.82
C TRP A 33 -15.42 4.76 13.94
N GLU A 34 -16.73 4.60 14.18
CA GLU A 34 -17.41 5.42 15.17
C GLU A 34 -17.11 4.98 16.60
N SER A 35 -16.67 3.74 16.82
CA SER A 35 -16.41 3.23 18.16
C SER A 35 -15.11 2.44 18.18
N PRO A 36 -13.98 3.12 18.15
CA PRO A 36 -12.69 2.42 18.01
C PRO A 36 -12.32 1.63 19.26
N SER A 37 -11.41 0.68 19.06
CA SER A 37 -10.84 -0.11 20.14
C SER A 37 -9.61 0.60 20.69
N GLN A 38 -9.41 0.49 22.00
CA GLN A 38 -8.31 1.13 22.70
C GLN A 38 -7.79 0.20 23.78
N ASN A 39 -6.46 0.17 23.92
CA ASN A 39 -5.78 -0.47 25.05
C ASN A 39 -6.18 -1.94 25.20
N THR A 40 -5.83 -2.71 24.18
CA THR A 40 -6.13 -4.13 24.11
C THR A 40 -4.97 -5.01 24.56
N ALA A 41 -3.84 -4.42 24.98
CA ALA A 41 -2.72 -5.16 25.55
C ALA A 41 -1.79 -4.17 26.27
N GLN A 42 -0.62 -4.66 26.69
CA GLN A 42 0.37 -3.80 27.34
C GLN A 42 1.77 -4.33 27.06
N LEU A 43 2.76 -3.50 27.38
CA LEU A 43 4.12 -3.74 26.90
C LEU A 43 4.71 -5.03 27.48
N ASP A 44 4.51 -5.28 28.77
CA ASP A 44 5.12 -6.47 29.35
C ASP A 44 4.48 -7.76 28.86
N HIS A 45 3.44 -7.70 28.03
CA HIS A 45 2.91 -8.91 27.42
C HIS A 45 3.82 -9.49 26.35
N PHE A 46 4.91 -8.78 26.00
CA PHE A 46 5.71 -9.10 24.83
C PHE A 46 7.18 -9.14 25.19
N ASP A 47 7.92 -10.04 24.53
CA ASP A 47 9.38 -10.06 24.56
C ASP A 47 9.93 -9.33 23.34
N ARG A 48 10.96 -8.51 23.54
CA ARG A 48 11.63 -7.81 22.45
C ARG A 48 12.62 -8.73 21.76
N ILE A 49 12.54 -8.86 20.43
CA ILE A 49 13.40 -9.77 19.66
C ILE A 49 14.40 -8.98 18.81
N LYS A 50 13.92 -8.08 17.97
CA LYS A 50 14.81 -7.43 17.03
C LYS A 50 14.17 -6.14 16.51
N THR A 51 15.02 -5.14 16.26
CA THR A 51 14.58 -3.91 15.62
C THR A 51 14.59 -4.10 14.11
N LEU A 52 13.41 -3.94 13.50
CA LEU A 52 13.25 -4.12 12.06
C LEU A 52 13.34 -2.81 11.28
N GLY A 53 13.16 -1.67 11.94
CA GLY A 53 13.27 -0.38 11.28
C GLY A 53 13.26 0.74 12.29
N THR A 54 13.68 1.92 11.83
CA THR A 54 13.76 3.08 12.73
C THR A 54 13.67 4.35 11.91
N GLY A 55 13.33 5.44 12.59
CA GLY A 55 13.20 6.73 11.93
C GLY A 55 13.10 7.85 12.93
N SER A 56 12.70 9.03 12.42
CA SER A 56 12.62 10.21 13.26
C SER A 56 11.48 10.14 14.28
N PHE A 57 10.44 9.34 14.02
CA PHE A 57 9.28 9.27 14.88
C PHE A 57 9.31 8.10 15.85
N GLY A 58 9.97 7.02 15.50
CA GLY A 58 9.96 5.82 16.34
C GLY A 58 10.67 4.68 15.64
N ARG A 59 10.34 3.46 16.08
CA ARG A 59 10.96 2.25 15.55
C ARG A 59 9.90 1.15 15.42
N VAL A 60 10.26 0.10 14.69
CA VAL A 60 9.43 -1.09 14.54
C VAL A 60 10.23 -2.29 15.03
N MET A 61 9.64 -3.07 15.94
CA MET A 61 10.34 -4.19 16.52
C MET A 61 9.58 -5.49 16.29
N LEU A 62 10.33 -6.56 16.01
CA LEU A 62 9.78 -7.90 16.14
C LEU A 62 9.63 -8.24 17.62
N VAL A 63 8.41 -8.59 18.03
CA VAL A 63 8.17 -8.98 19.40
C VAL A 63 7.47 -10.33 19.39
N LYS A 64 7.52 -11.02 20.52
CA LYS A 64 6.81 -12.27 20.67
C LYS A 64 5.88 -12.15 21.87
N HIS A 65 4.61 -12.45 21.67
CA HIS A 65 3.65 -12.47 22.77
C HIS A 65 3.99 -13.59 23.74
N LYS A 66 4.18 -13.24 25.02
CA LYS A 66 4.74 -14.20 25.98
C LYS A 66 3.84 -15.41 26.18
N GLU A 67 2.52 -15.23 26.11
CA GLU A 67 1.60 -16.31 26.45
C GLU A 67 1.19 -17.15 25.24
N THR A 68 0.96 -16.51 24.07
CA THR A 68 0.58 -17.26 22.88
C THR A 68 1.77 -17.75 22.07
N GLY A 69 2.94 -17.14 22.25
CA GLY A 69 4.06 -17.41 21.37
C GLY A 69 3.95 -16.78 20.00
N ASN A 70 2.92 -15.98 19.75
CA ASN A 70 2.73 -15.35 18.46
C ASN A 70 3.69 -14.18 18.27
N HIS A 71 4.25 -14.08 17.08
CA HIS A 71 5.12 -12.98 16.73
C HIS A 71 4.30 -11.83 16.16
N TYR A 72 4.72 -10.61 16.46
CA TYR A 72 4.08 -9.41 15.93
C TYR A 72 5.13 -8.39 15.58
N ALA A 73 4.73 -7.42 14.76
CA ALA A 73 5.52 -6.22 14.50
C ALA A 73 4.93 -5.10 15.34
N MET A 74 5.74 -4.55 16.24
CA MET A 74 5.28 -3.51 17.14
C MET A 74 5.88 -2.18 16.72
N LYS A 75 5.03 -1.25 16.30
CA LYS A 75 5.46 0.11 16.00
C LYS A 75 5.42 0.90 17.30
N ILE A 76 6.56 1.50 17.65
CA ILE A 76 6.72 2.29 18.86
C ILE A 76 6.95 3.73 18.42
N LEU A 77 5.99 4.60 18.72
CA LEU A 77 6.13 6.03 18.43
C LEU A 77 6.22 6.79 19.74
N ASP A 78 7.21 7.67 19.85
CA ASP A 78 7.40 8.47 21.05
C ASP A 78 6.50 9.69 20.99
N LYS A 79 5.62 9.84 22.00
CA LYS A 79 4.61 10.90 21.99
C LYS A 79 5.23 12.27 21.77
N GLN A 80 6.37 12.56 22.42
CA GLN A 80 6.99 13.87 22.27
C GLN A 80 7.62 14.04 20.90
N LYS A 81 8.22 12.97 20.36
CA LYS A 81 8.81 13.07 19.03
C LYS A 81 7.75 13.16 17.94
N VAL A 82 6.51 12.76 18.22
CA VAL A 82 5.43 12.93 17.25
C VAL A 82 4.81 14.31 17.35
N VAL A 83 4.59 14.79 18.58
CA VAL A 83 3.99 16.11 18.77
C VAL A 83 4.92 17.20 18.25
N LYS A 84 6.23 17.03 18.44
CA LYS A 84 7.22 17.99 18.00
C LYS A 84 7.65 17.78 16.55
N LEU A 85 6.88 17.02 15.77
CA LEU A 85 7.20 16.78 14.36
C LEU A 85 5.99 16.99 13.45
N LYS A 86 4.91 17.59 13.96
CA LYS A 86 3.69 17.85 13.17
C LYS A 86 3.12 16.56 12.59
N GLN A 87 3.10 15.50 13.40
CA GLN A 87 2.59 14.21 12.95
C GLN A 87 1.45 13.68 13.80
N ILE A 88 0.91 14.49 14.72
CA ILE A 88 -0.09 13.97 15.64
C ILE A 88 -1.34 13.53 14.89
N GLU A 89 -1.80 14.34 13.93
CA GLU A 89 -3.04 13.99 13.24
C GLU A 89 -2.87 12.73 12.40
N HIS A 90 -1.73 12.59 11.72
CA HIS A 90 -1.51 11.41 10.88
C HIS A 90 -1.43 10.14 11.71
N THR A 91 -0.86 10.21 12.91
CA THR A 91 -0.73 9.02 13.73
C THR A 91 -2.08 8.60 14.31
N LEU A 92 -2.83 9.57 14.85
CA LEU A 92 -4.19 9.29 15.30
C LEU A 92 -5.04 8.72 14.18
N ASN A 93 -4.94 9.30 12.99
CA ASN A 93 -5.78 8.86 11.87
C ASN A 93 -5.37 7.48 11.38
N GLU A 94 -4.05 7.21 11.32
CA GLU A 94 -3.60 5.90 10.88
C GLU A 94 -4.10 4.80 11.81
N LYS A 95 -4.01 5.03 13.12
CA LYS A 95 -4.53 4.04 14.06
C LYS A 95 -6.04 3.92 13.94
N ARG A 96 -6.74 5.04 13.73
CA ARG A 96 -8.19 4.97 13.59
C ARG A 96 -8.59 4.14 12.37
N ILE A 97 -7.90 4.34 11.24
CA ILE A 97 -8.18 3.54 10.05
C ILE A 97 -7.88 2.07 10.30
N LEU A 98 -6.68 1.77 10.82
CA LEU A 98 -6.23 0.38 10.93
C LEU A 98 -7.16 -0.43 11.83
N GLN A 99 -7.67 0.16 12.90
CA GLN A 99 -8.56 -0.62 13.75
C GLN A 99 -9.97 -0.75 13.18
N ALA A 100 -10.29 -0.01 12.11
CA ALA A 100 -11.63 -0.07 11.53
C ALA A 100 -11.70 -0.88 10.24
N VAL A 101 -10.61 -1.00 9.49
CA VAL A 101 -10.66 -1.68 8.19
C VAL A 101 -10.58 -3.20 8.39
N ASN A 102 -10.97 -3.92 7.34
CA ASN A 102 -10.92 -5.39 7.35
C ASN A 102 -10.84 -5.85 5.89
N PHE A 103 -9.66 -6.31 5.46
CA PHE A 103 -9.50 -6.74 4.07
C PHE A 103 -8.30 -7.68 4.01
N PRO A 104 -8.32 -8.71 3.17
CA PRO A 104 -7.27 -9.74 3.25
C PRO A 104 -5.89 -9.25 2.84
N PHE A 105 -5.76 -8.06 2.24
CA PHE A 105 -4.47 -7.55 1.79
C PHE A 105 -4.04 -6.31 2.58
N LEU A 106 -4.70 -6.04 3.71
CA LEU A 106 -4.31 -4.98 4.65
C LEU A 106 -3.76 -5.64 5.92
N VAL A 107 -2.57 -5.21 6.34
N VAL A 107 -2.56 -5.21 6.34
CA VAL A 107 -2.01 -5.73 7.59
CA VAL A 107 -1.99 -5.68 7.60
C VAL A 107 -2.97 -5.46 8.73
C VAL A 107 -2.97 -5.44 8.73
N LYS A 108 -3.11 -6.43 9.63
CA LYS A 108 -4.11 -6.41 10.68
C LYS A 108 -3.51 -5.90 11.99
N LEU A 109 -4.06 -4.81 12.49
CA LEU A 109 -3.73 -4.33 13.83
C LEU A 109 -4.33 -5.30 14.85
N GLU A 110 -3.47 -6.00 15.58
CA GLU A 110 -3.97 -6.96 16.57
C GLU A 110 -4.19 -6.31 17.93
N PHE A 111 -3.29 -5.43 18.36
CA PHE A 111 -3.42 -4.75 19.64
C PHE A 111 -2.94 -3.31 19.49
N SER A 112 -3.42 -2.46 20.39
CA SER A 112 -2.87 -1.11 20.48
C SER A 112 -3.05 -0.62 21.91
N PHE A 113 -2.17 0.28 22.32
CA PHE A 113 -2.14 0.80 23.67
C PHE A 113 -1.13 1.94 23.72
N LYS A 114 -1.03 2.58 24.87
CA LYS A 114 -0.07 3.65 25.11
C LYS A 114 0.37 3.56 26.56
N ASP A 115 1.58 4.05 26.83
CA ASP A 115 2.03 4.16 28.22
C ASP A 115 2.26 5.62 28.56
N ASN A 116 3.21 5.91 29.46
CA ASN A 116 3.43 7.29 29.86
C ASN A 116 4.02 8.12 28.74
N SER A 117 4.78 7.50 27.82
CA SER A 117 5.57 8.26 26.85
C SER A 117 5.44 7.80 25.41
N ASN A 118 4.88 6.62 25.13
CA ASN A 118 4.91 6.07 23.78
C ASN A 118 3.53 5.60 23.35
N LEU A 119 3.35 5.57 22.02
CA LEU A 119 2.22 4.93 21.39
C LEU A 119 2.69 3.62 20.77
N TYR A 120 1.87 2.57 20.90
CA TYR A 120 2.23 1.24 20.43
C TYR A 120 1.15 0.71 19.51
N MET A 121 1.56 0.21 18.36
CA MET A 121 0.66 -0.48 17.43
C MET A 121 1.25 -1.84 17.14
N VAL A 122 0.52 -2.89 17.52
CA VAL A 122 0.97 -4.26 17.38
C VAL A 122 0.19 -4.90 16.25
N MET A 123 0.88 -5.16 15.15
N MET A 123 0.88 -5.13 15.13
CA MET A 123 0.25 -5.74 13.98
CA MET A 123 0.30 -5.72 13.94
C MET A 123 0.86 -7.08 13.67
C MET A 123 0.84 -7.12 13.72
N GLU A 124 0.12 -7.89 12.91
CA GLU A 124 0.60 -9.21 12.56
C GLU A 124 1.91 -9.09 11.79
N TYR A 125 2.85 -9.94 12.13
CA TYR A 125 4.18 -9.90 11.55
C TYR A 125 4.13 -10.49 10.14
N VAL A 126 4.59 -9.72 9.18
CA VAL A 126 4.67 -10.15 7.78
C VAL A 126 6.14 -10.44 7.49
N PRO A 127 6.55 -11.71 7.49
CA PRO A 127 7.97 -12.02 7.55
C PRO A 127 8.71 -11.90 6.23
N GLY A 128 7.98 -11.78 5.12
CA GLY A 128 8.60 -11.71 3.80
C GLY A 128 9.22 -10.37 3.45
N GLY A 129 9.02 -9.35 4.29
CA GLY A 129 9.57 -8.03 4.01
C GLY A 129 8.88 -7.37 2.82
N GLU A 130 9.50 -6.28 2.37
CA GLU A 130 8.89 -5.44 1.32
C GLU A 130 9.12 -6.04 -0.05
N MET A 131 8.11 -5.85 -0.91
CA MET A 131 8.26 -6.15 -2.34
C MET A 131 9.48 -5.46 -2.94
N PHE A 132 9.79 -4.26 -2.44
CA PHE A 132 10.94 -3.49 -2.91
C PHE A 132 12.21 -4.36 -3.00
N SER A 133 12.57 -5.00 -1.89
N SER A 133 12.57 -5.02 -1.90
CA SER A 133 13.81 -5.79 -1.85
CA SER A 133 13.82 -5.77 -1.87
C SER A 133 13.77 -6.92 -2.88
C SER A 133 13.79 -6.94 -2.85
N HIS A 134 12.65 -7.62 -2.96
CA HIS A 134 12.57 -8.73 -3.90
C HIS A 134 12.65 -8.25 -5.34
N LEU A 135 12.01 -7.11 -5.64
CA LEU A 135 12.05 -6.58 -7.00
C LEU A 135 13.46 -6.15 -7.39
N ARG A 136 14.18 -5.49 -6.48
CA ARG A 136 15.53 -5.07 -6.81
C ARG A 136 16.46 -6.26 -6.96
N ARG A 137 16.22 -7.34 -6.19
CA ARG A 137 17.06 -8.53 -6.25
C ARG A 137 16.84 -9.31 -7.55
N ILE A 138 15.58 -9.56 -7.90
CA ILE A 138 15.24 -10.34 -9.09
C ILE A 138 15.41 -9.50 -10.37
N GLY A 139 15.29 -8.18 -10.25
CA GLY A 139 15.41 -7.26 -11.37
C GLY A 139 14.06 -6.75 -11.80
N ARG A 140 13.23 -7.66 -12.30
CA ARG A 140 11.86 -7.33 -12.70
C ARG A 140 11.02 -8.59 -12.58
N PHE A 141 9.71 -8.39 -12.52
CA PHE A 141 8.77 -9.50 -12.44
C PHE A 141 8.22 -9.78 -13.84
N SER A 142 7.97 -11.05 -14.15
CA SER A 142 7.22 -11.39 -15.35
C SER A 142 5.85 -10.72 -15.30
N GLU A 143 5.22 -10.57 -16.48
CA GLU A 143 3.87 -10.00 -16.49
C GLU A 143 2.86 -10.82 -15.68
N PRO A 144 2.86 -12.16 -15.69
CA PRO A 144 1.93 -12.88 -14.78
C PRO A 144 2.21 -12.63 -13.32
N HIS A 145 3.49 -12.52 -12.95
CA HIS A 145 3.86 -12.19 -11.58
C HIS A 145 3.39 -10.78 -11.19
N ALA A 146 3.69 -9.79 -12.04
CA ALA A 146 3.19 -8.44 -11.80
C ALA A 146 1.68 -8.40 -11.71
N ARG A 147 0.99 -9.17 -12.56
CA ARG A 147 -0.47 -9.16 -12.57
C ARG A 147 -1.05 -9.71 -11.27
N PHE A 148 -0.40 -10.73 -10.70
CA PHE A 148 -0.83 -11.30 -9.42
C PHE A 148 -0.84 -10.24 -8.33
N TYR A 149 0.25 -9.46 -8.20
CA TYR A 149 0.27 -8.34 -7.26
C TYR A 149 -0.72 -7.25 -7.65
N ALA A 150 -0.74 -6.85 -8.93
CA ALA A 150 -1.59 -5.75 -9.35
C ALA A 150 -3.06 -6.03 -9.04
N ALA A 151 -3.50 -7.27 -9.26
CA ALA A 151 -4.90 -7.62 -8.99
C ALA A 151 -5.26 -7.39 -7.53
N GLN A 152 -4.31 -7.66 -6.62
CA GLN A 152 -4.58 -7.42 -5.20
C GLN A 152 -4.69 -5.93 -4.89
N ILE A 153 -3.83 -5.12 -5.52
CA ILE A 153 -3.95 -3.68 -5.30
C ILE A 153 -5.27 -3.16 -5.86
N VAL A 154 -5.69 -3.68 -7.02
CA VAL A 154 -6.95 -3.22 -7.60
C VAL A 154 -8.10 -3.48 -6.63
N LEU A 155 -8.15 -4.68 -6.08
CA LEU A 155 -9.21 -5.01 -5.12
C LEU A 155 -9.06 -4.19 -3.85
N THR A 156 -7.82 -3.99 -3.39
CA THR A 156 -7.64 -3.22 -2.16
C THR A 156 -8.06 -1.77 -2.35
N PHE A 157 -7.72 -1.17 -3.50
CA PHE A 157 -8.17 0.20 -3.77
C PHE A 157 -9.69 0.23 -3.94
N GLU A 158 -10.26 -0.77 -4.61
CA GLU A 158 -11.71 -0.81 -4.74
C GLU A 158 -12.37 -0.80 -3.38
N TYR A 159 -11.80 -1.54 -2.43
CA TYR A 159 -12.27 -1.55 -1.04
C TYR A 159 -12.07 -0.19 -0.38
N LEU A 160 -10.84 0.32 -0.39
CA LEU A 160 -10.59 1.57 0.32
C LEU A 160 -11.40 2.72 -0.26
N HIS A 161 -11.46 2.82 -1.59
CA HIS A 161 -12.20 3.93 -2.20
C HIS A 161 -13.69 3.85 -1.88
N SER A 162 -14.24 2.65 -1.73
CA SER A 162 -15.64 2.55 -1.32
C SER A 162 -15.86 3.12 0.08
N LEU A 163 -14.83 3.15 0.90
CA LEU A 163 -14.87 3.75 2.22
C LEU A 163 -14.54 5.24 2.20
N ASP A 164 -14.40 5.82 1.01
CA ASP A 164 -14.00 7.22 0.81
C ASP A 164 -12.58 7.47 1.30
N LEU A 165 -11.75 6.45 1.29
CA LEU A 165 -10.36 6.58 1.71
C LEU A 165 -9.47 6.66 0.46
N ILE A 166 -8.69 7.75 0.34
CA ILE A 166 -7.61 7.81 -0.64
C ILE A 166 -6.34 7.34 0.06
N TYR A 167 -5.53 6.50 -0.61
CA TYR A 167 -4.40 5.90 0.07
C TYR A 167 -3.14 6.76 0.00
N ARG A 168 -2.75 7.17 -1.21
CA ARG A 168 -1.75 8.19 -1.50
C ARG A 168 -0.29 7.83 -1.26
N ASP A 169 0.05 6.59 -0.93
CA ASP A 169 1.47 6.29 -0.86
C ASP A 169 1.75 4.88 -1.35
N LEU A 170 1.16 4.54 -2.50
CA LEU A 170 1.51 3.27 -3.14
C LEU A 170 2.95 3.34 -3.67
N LYS A 171 3.71 2.29 -3.40
CA LYS A 171 5.08 2.03 -3.86
C LYS A 171 5.51 0.66 -3.35
N PRO A 172 6.49 0.01 -3.99
CA PRO A 172 6.89 -1.33 -3.54
C PRO A 172 7.40 -1.35 -2.11
N GLU A 173 7.96 -0.23 -1.66
CA GLU A 173 8.43 -0.11 -0.29
C GLU A 173 7.32 -0.33 0.73
N ASN A 174 6.06 -0.06 0.36
CA ASN A 174 4.93 -0.16 1.29
C ASN A 174 4.11 -1.42 1.09
N LEU A 175 4.61 -2.39 0.33
CA LEU A 175 3.87 -3.62 0.07
C LEU A 175 4.69 -4.77 0.65
N LEU A 176 4.18 -5.37 1.72
CA LEU A 176 4.83 -6.51 2.35
C LEU A 176 4.32 -7.80 1.73
N ILE A 177 5.14 -8.84 1.77
CA ILE A 177 4.77 -10.12 1.19
C ILE A 177 4.64 -11.14 2.32
N ASP A 178 3.49 -11.79 2.40
CA ASP A 178 3.27 -12.72 3.51
C ASP A 178 3.74 -14.14 3.14
N GLN A 179 3.53 -15.07 4.08
CA GLN A 179 4.03 -16.43 3.95
C GLN A 179 3.36 -17.20 2.81
N GLN A 180 2.18 -16.77 2.37
CA GLN A 180 1.57 -17.37 1.18
C GLN A 180 1.92 -16.60 -0.10
N GLY A 181 2.79 -15.60 -0.03
CA GLY A 181 3.15 -14.84 -1.22
C GLY A 181 2.20 -13.71 -1.57
N TYR A 182 1.21 -13.43 -0.75
CA TYR A 182 0.24 -12.38 -1.01
C TYR A 182 0.69 -11.07 -0.37
N ILE A 183 0.12 -9.96 -0.88
CA ILE A 183 0.48 -8.63 -0.44
C ILE A 183 -0.21 -8.25 0.86
N GLN A 184 0.52 -7.57 1.73
CA GLN A 184 -0.03 -6.93 2.91
C GLN A 184 0.33 -5.46 2.82
N VAL A 185 -0.67 -4.62 2.67
CA VAL A 185 -0.39 -3.19 2.56
C VAL A 185 -0.12 -2.62 3.94
N THR A 186 0.97 -1.88 4.05
CA THR A 186 1.30 -1.21 5.29
C THR A 186 1.28 0.30 5.07
N ASP A 187 1.10 1.02 6.18
CA ASP A 187 1.26 2.46 6.25
C ASP A 187 0.01 3.19 5.78
N PHE A 188 -0.71 3.78 6.73
CA PHE A 188 -1.87 4.59 6.42
C PHE A 188 -1.70 6.02 6.94
N GLY A 189 -0.45 6.46 7.12
CA GLY A 189 -0.21 7.79 7.66
C GLY A 189 -0.62 8.90 6.71
N PHE A 190 -0.62 8.62 5.41
CA PHE A 190 -1.01 9.64 4.43
C PHE A 190 -2.44 9.46 3.92
N ALA A 191 -3.15 8.43 4.37
CA ALA A 191 -4.50 8.21 3.86
C ALA A 191 -5.45 9.24 4.44
N LYS A 192 -6.49 9.56 3.67
CA LYS A 192 -7.43 10.58 4.09
C LYS A 192 -8.84 10.13 3.72
N ARG A 193 -9.75 10.19 4.68
CA ARG A 193 -11.13 9.77 4.48
C ARG A 193 -11.90 11.00 4.06
N VAL A 194 -11.95 11.23 2.75
CA VAL A 194 -12.51 12.46 2.21
C VAL A 194 -13.23 12.14 0.91
N LYS A 195 -14.47 12.60 0.80
CA LYS A 195 -15.15 12.66 -0.49
C LYS A 195 -14.79 13.99 -1.16
N GLY A 196 -14.84 14.00 -2.47
CA GLY A 196 -14.65 15.25 -3.20
C GLY A 196 -13.18 15.47 -3.55
N ARG A 197 -12.61 16.56 -3.05
N ARG A 197 -12.60 16.54 -3.03
CA ARG A 197 -11.25 16.98 -3.35
CA ARG A 197 -11.22 16.89 -3.36
C ARG A 197 -10.46 17.18 -2.06
C ARG A 197 -10.46 17.25 -2.10
N THR A 198 -9.14 17.16 -2.21
CA THR A 198 -8.22 17.50 -1.13
C THR A 198 -6.99 18.08 -1.81
N TRP A 199 -6.11 18.69 -1.01
CA TRP A 199 -5.10 19.55 -1.61
C TRP A 199 -3.65 19.28 -1.17
N TPO A 200 -3.44 18.39 -0.18
CA TPO A 200 -2.10 18.23 0.41
CB TPO A 200 -2.17 17.36 1.69
CG2 TPO A 200 -0.80 17.38 2.38
OG1 TPO A 200 -3.08 17.92 2.63
P TPO A 200 -4.34 16.93 2.87
O1P TPO A 200 -5.39 17.75 3.73
O2P TPO A 200 -3.92 15.75 3.66
O3P TPO A 200 -4.94 16.48 1.45
C TPO A 200 -1.08 17.67 -0.58
O TPO A 200 -1.34 16.68 -1.28
N LEU A 201 0.07 18.34 -0.67
CA LEU A 201 1.23 17.79 -1.38
C LEU A 201 1.82 16.66 -0.53
N CYS A 202 1.60 15.42 -0.96
CA CYS A 202 2.18 14.30 -0.22
C CYS A 202 2.29 13.11 -1.16
N GLY A 203 3.21 12.21 -0.80
CA GLY A 203 3.48 11.05 -1.61
C GLY A 203 4.96 10.96 -1.91
N THR A 204 5.31 10.08 -2.83
CA THR A 204 6.70 9.81 -3.21
C THR A 204 6.92 10.24 -4.66
N PRO A 205 7.98 10.98 -4.95
CA PRO A 205 8.06 11.68 -6.25
C PRO A 205 7.73 10.81 -7.46
N GLU A 206 8.32 9.62 -7.56
CA GLU A 206 8.13 8.77 -8.73
C GLU A 206 6.66 8.40 -8.95
N TYR A 207 5.86 8.38 -7.88
CA TYR A 207 4.48 7.92 -7.88
C TYR A 207 3.45 9.05 -7.85
N LEU A 208 3.89 10.31 -7.87
CA LEU A 208 2.96 11.44 -7.79
C LEU A 208 2.18 11.59 -9.09
N ALA A 209 0.86 11.68 -8.98
CA ALA A 209 0.03 12.01 -10.13
C ALA A 209 0.29 13.45 -10.58
N PRO A 210 0.10 13.75 -11.88
CA PRO A 210 0.36 15.11 -12.36
C PRO A 210 -0.45 16.16 -11.61
N GLU A 211 -1.70 15.85 -11.28
CA GLU A 211 -2.54 16.85 -10.63
C GLU A 211 -2.01 17.17 -9.24
N ILE A 212 -1.29 16.24 -8.60
CA ILE A 212 -0.67 16.60 -7.32
C ILE A 212 0.47 17.57 -7.56
N ILE A 213 1.37 17.26 -8.51
CA ILE A 213 2.50 18.11 -8.83
C ILE A 213 2.05 19.52 -9.20
N LEU A 214 0.94 19.62 -9.92
CA LEU A 214 0.48 20.88 -10.46
C LEU A 214 -0.33 21.70 -9.46
N SER A 215 -0.38 21.26 -8.20
CA SER A 215 -1.00 22.03 -7.11
C SER A 215 -2.50 22.18 -7.33
N LYS A 216 -3.12 21.14 -7.85
CA LYS A 216 -4.55 21.09 -8.08
C LYS A 216 -5.24 20.44 -6.89
N GLY A 217 -6.52 20.77 -6.70
CA GLY A 217 -7.37 19.86 -5.97
C GLY A 217 -7.42 18.52 -6.69
N TYR A 218 -7.39 17.44 -5.92
CA TYR A 218 -7.34 16.13 -6.55
C TYR A 218 -8.21 15.17 -5.75
N ASN A 219 -8.38 13.96 -6.28
CA ASN A 219 -9.32 13.01 -5.72
C ASN A 219 -8.72 11.60 -5.81
N LYS A 220 -9.56 10.58 -5.66
CA LYS A 220 -9.03 9.21 -5.60
C LYS A 220 -8.33 8.76 -6.89
N ALA A 221 -8.50 9.48 -7.99
CA ALA A 221 -7.85 9.11 -9.24
C ALA A 221 -6.32 9.09 -9.11
N VAL A 222 -5.75 9.78 -8.12
CA VAL A 222 -4.30 9.72 -7.94
C VAL A 222 -3.84 8.31 -7.58
N ASP A 223 -4.68 7.55 -6.86
CA ASP A 223 -4.34 6.16 -6.53
C ASP A 223 -4.29 5.29 -7.78
N TRP A 224 -5.16 5.57 -8.75
CA TRP A 224 -5.13 4.76 -9.97
C TRP A 224 -3.94 5.13 -10.85
N TRP A 225 -3.54 6.41 -10.85
CA TRP A 225 -2.28 6.78 -11.49
C TRP A 225 -1.12 6.04 -10.83
N ALA A 226 -1.07 6.06 -9.50
CA ALA A 226 0.01 5.35 -8.81
C ALA A 226 -0.01 3.87 -9.12
N LEU A 227 -1.19 3.26 -9.33
CA LEU A 227 -1.19 1.85 -9.74
C LEU A 227 -0.47 1.67 -11.07
N GLY A 228 -0.69 2.58 -12.01
CA GLY A 228 0.05 2.53 -13.28
C GLY A 228 1.55 2.57 -13.06
N VAL A 229 2.01 3.45 -12.17
CA VAL A 229 3.44 3.52 -11.90
C VAL A 229 3.94 2.20 -11.32
N LEU A 230 3.17 1.63 -10.39
CA LEU A 230 3.59 0.39 -9.75
C LEU A 230 3.63 -0.75 -10.74
N ILE A 231 2.61 -0.89 -11.57
CA ILE A 231 2.60 -1.99 -12.55
C ILE A 231 3.80 -1.86 -13.48
N TYR A 232 4.05 -0.65 -14.00
CA TYR A 232 5.22 -0.39 -14.82
C TYR A 232 6.51 -0.81 -14.10
N GLU A 233 6.70 -0.32 -12.86
CA GLU A 233 7.96 -0.62 -12.19
C GLU A 233 8.11 -2.11 -11.92
N MET A 234 7.01 -2.80 -11.57
CA MET A 234 7.10 -4.25 -11.35
C MET A 234 7.52 -4.97 -12.62
N ALA A 235 7.00 -4.53 -13.78
CA ALA A 235 7.25 -5.27 -15.03
C ALA A 235 8.55 -4.86 -15.71
N ALA A 236 9.02 -3.64 -15.48
CA ALA A 236 10.23 -3.10 -16.09
C ALA A 236 11.44 -3.22 -15.20
N GLY A 237 11.23 -3.17 -13.89
CA GLY A 237 12.30 -3.10 -12.91
C GLY A 237 12.75 -1.69 -12.58
N TYR A 238 12.17 -0.68 -13.22
CA TYR A 238 12.43 0.71 -12.92
C TYR A 238 11.13 1.45 -13.21
N PRO A 239 10.90 2.59 -12.57
CA PRO A 239 9.62 3.29 -12.75
C PRO A 239 9.60 4.04 -14.08
N PRO A 240 8.41 4.49 -14.50
CA PRO A 240 8.29 5.14 -15.81
C PRO A 240 8.92 6.51 -15.85
N PHE A 241 8.99 7.22 -14.72
CA PHE A 241 9.54 8.57 -14.70
C PHE A 241 10.60 8.61 -13.62
N PHE A 242 11.85 8.86 -14.03
CA PHE A 242 12.91 8.99 -13.05
C PHE A 242 13.94 9.95 -13.59
N ALA A 243 14.77 10.45 -12.68
CA ALA A 243 15.80 11.42 -12.98
C ALA A 243 16.65 11.59 -11.72
N ASP A 244 17.72 12.37 -11.85
CA ASP A 244 18.59 12.64 -10.71
C ASP A 244 17.84 13.35 -9.58
N GLN A 245 16.99 14.31 -9.93
CA GLN A 245 16.33 15.13 -8.92
C GLN A 245 14.82 15.14 -9.12
N PRO A 246 14.04 15.24 -8.04
CA PRO A 246 12.57 15.20 -8.17
C PRO A 246 12.00 16.22 -9.15
N ILE A 247 12.54 17.45 -9.22
CA ILE A 247 11.97 18.45 -10.11
C ILE A 247 12.02 17.95 -11.56
N GLN A 248 13.08 17.25 -11.93
CA GLN A 248 13.19 16.66 -13.26
C GLN A 248 12.21 15.50 -13.44
N ILE A 249 11.96 14.75 -12.36
CA ILE A 249 10.92 13.72 -12.38
C ILE A 249 9.56 14.37 -12.64
N TYR A 250 9.28 15.48 -11.98
CA TYR A 250 7.94 16.08 -12.09
C TYR A 250 7.66 16.58 -13.51
N GLU A 251 8.68 17.13 -14.17
CA GLU A 251 8.55 17.56 -15.56
C GLU A 251 8.19 16.42 -16.49
N LYS A 252 8.78 15.25 -16.25
CA LYS A 252 8.44 14.09 -17.08
C LYS A 252 7.03 13.62 -16.78
N ILE A 253 6.64 13.62 -15.51
CA ILE A 253 5.29 13.15 -15.16
C ILE A 253 4.24 13.99 -15.85
N VAL A 254 4.41 15.32 -15.83
CA VAL A 254 3.35 16.17 -16.35
C VAL A 254 3.33 16.23 -17.87
N SER A 255 4.41 15.80 -18.53
CA SER A 255 4.55 15.94 -19.98
C SER A 255 3.56 15.11 -20.78
N GLY A 256 2.94 14.11 -20.17
CA GLY A 256 2.04 13.26 -20.93
C GLY A 256 2.72 12.29 -21.86
N LYS A 257 4.00 12.01 -21.65
CA LYS A 257 4.77 11.06 -22.45
C LYS A 257 5.34 9.98 -21.55
N VAL A 258 5.26 8.73 -22.01
CA VAL A 258 5.86 7.59 -21.34
C VAL A 258 6.37 6.64 -22.41
N ARG A 259 7.56 6.07 -22.18
CA ARG A 259 8.18 5.10 -23.06
C ARG A 259 8.15 3.73 -22.38
N PHE A 260 7.98 2.66 -23.16
CA PHE A 260 7.90 1.33 -22.58
C PHE A 260 9.05 0.46 -23.08
N PRO A 261 9.54 -0.47 -22.25
CA PRO A 261 10.48 -1.48 -22.75
C PRO A 261 9.85 -2.34 -23.83
N SER A 262 10.69 -2.75 -24.80
CA SER A 262 10.19 -3.52 -25.93
C SER A 262 9.65 -4.88 -25.53
N HIS A 263 9.90 -5.35 -24.31
CA HIS A 263 9.33 -6.63 -23.88
C HIS A 263 7.93 -6.50 -23.29
N PHE A 264 7.44 -5.27 -23.04
CA PHE A 264 6.07 -5.09 -22.59
C PHE A 264 5.08 -5.57 -23.64
N SER A 265 4.09 -6.37 -23.22
CA SER A 265 3.05 -6.81 -24.14
C SER A 265 2.20 -5.64 -24.59
N SER A 266 1.55 -5.82 -25.74
CA SER A 266 0.61 -4.80 -26.23
C SER A 266 -0.50 -4.54 -25.21
N ASP A 267 -1.03 -5.59 -24.60
CA ASP A 267 -2.07 -5.41 -23.59
C ASP A 267 -1.57 -4.57 -22.43
N LEU A 268 -0.34 -4.82 -21.97
CA LEU A 268 0.18 -4.07 -20.83
C LEU A 268 0.37 -2.59 -21.19
N LYS A 269 0.93 -2.30 -22.37
CA LYS A 269 1.08 -0.91 -22.79
C LYS A 269 -0.28 -0.20 -22.85
N ASP A 270 -1.30 -0.87 -23.36
CA ASP A 270 -2.60 -0.21 -23.45
C ASP A 270 -3.17 0.09 -22.06
N LEU A 271 -3.08 -0.87 -21.14
CA LEU A 271 -3.53 -0.63 -19.78
C LEU A 271 -2.76 0.53 -19.14
N LEU A 272 -1.44 0.54 -19.32
CA LEU A 272 -0.64 1.58 -18.68
C LEU A 272 -0.87 2.95 -19.30
N ARG A 273 -1.12 3.02 -20.61
CA ARG A 273 -1.45 4.31 -21.19
C ARG A 273 -2.77 4.85 -20.65
N ASN A 274 -3.66 3.95 -20.23
CA ASN A 274 -4.93 4.40 -19.68
C ASN A 274 -4.88 4.71 -18.19
N LEU A 275 -3.90 4.17 -17.48
CA LEU A 275 -3.70 4.53 -16.07
C LEU A 275 -2.80 5.74 -15.92
N LEU A 276 -1.72 5.79 -16.70
CA LEU A 276 -0.79 6.93 -16.74
C LEU A 276 -1.28 8.00 -17.71
N GLN A 277 -2.56 8.32 -17.58
CA GLN A 277 -3.25 9.30 -18.40
C GLN A 277 -3.30 10.63 -17.65
N VAL A 278 -2.70 11.67 -18.21
CA VAL A 278 -2.67 12.95 -17.51
C VAL A 278 -4.07 13.54 -17.42
N ASP A 279 -4.91 13.24 -18.42
CA ASP A 279 -6.23 13.85 -18.53
C ASP A 279 -7.20 13.09 -17.62
N LEU A 280 -7.66 13.74 -16.55
CA LEU A 280 -8.54 13.09 -15.59
C LEU A 280 -9.81 12.57 -16.25
N THR A 281 -10.34 13.30 -17.24
CA THR A 281 -11.55 12.86 -17.91
C THR A 281 -11.34 11.58 -18.73
N LYS A 282 -10.11 11.09 -18.85
CA LYS A 282 -9.82 9.88 -19.61
C LYS A 282 -9.09 8.81 -18.81
N ARG A 283 -8.77 9.04 -17.55
CA ARG A 283 -7.96 8.08 -16.81
C ARG A 283 -8.82 6.93 -16.31
N PHE A 284 -8.37 5.71 -16.55
CA PHE A 284 -9.07 4.53 -16.04
C PHE A 284 -9.18 4.59 -14.53
N GLY A 285 -10.28 4.05 -14.02
CA GLY A 285 -10.62 4.17 -12.63
C GLY A 285 -11.44 5.40 -12.31
N ASN A 286 -11.44 6.39 -13.21
CA ASN A 286 -12.09 7.67 -12.98
C ASN A 286 -13.21 7.96 -13.97
N LEU A 287 -13.66 6.95 -14.71
CA LEU A 287 -14.70 7.12 -15.73
C LEU A 287 -16.00 6.48 -15.26
N LYS A 288 -17.02 6.58 -16.12
CA LYS A 288 -18.37 6.13 -15.78
C LYS A 288 -18.37 4.72 -15.22
N ASN A 289 -17.54 3.83 -15.78
CA ASN A 289 -17.57 2.42 -15.41
C ASN A 289 -16.63 2.11 -14.25
N GLY A 290 -15.99 3.11 -13.65
CA GLY A 290 -15.26 2.94 -12.41
C GLY A 290 -14.10 1.97 -12.53
N VAL A 291 -13.92 1.16 -11.47
CA VAL A 291 -12.86 0.16 -11.45
C VAL A 291 -13.07 -0.92 -12.50
N ASN A 292 -14.28 -1.03 -13.05
CA ASN A 292 -14.55 -2.10 -13.99
C ASN A 292 -13.78 -1.91 -15.31
N ASP A 293 -13.48 -0.66 -15.67
CA ASP A 293 -12.59 -0.45 -16.82
C ASP A 293 -11.25 -1.15 -16.62
N ILE A 294 -10.79 -1.21 -15.37
CA ILE A 294 -9.53 -1.88 -15.08
C ILE A 294 -9.72 -3.39 -15.01
N LYS A 295 -10.71 -3.83 -14.22
CA LYS A 295 -10.88 -5.28 -14.01
C LYS A 295 -11.26 -6.01 -15.30
N ASN A 296 -11.87 -5.31 -16.24
CA ASN A 296 -12.32 -5.91 -17.49
C ASN A 296 -11.34 -5.67 -18.63
N HIS A 297 -10.20 -5.05 -18.37
CA HIS A 297 -9.20 -4.82 -19.39
C HIS A 297 -8.59 -6.14 -19.85
N LYS A 298 -8.15 -6.17 -21.11
CA LYS A 298 -7.58 -7.38 -21.68
C LYS A 298 -6.39 -7.90 -20.87
N TRP A 299 -5.59 -7.01 -20.28
CA TRP A 299 -4.42 -7.47 -19.55
C TRP A 299 -4.82 -8.32 -18.34
N PHE A 300 -6.01 -8.10 -17.79
CA PHE A 300 -6.53 -8.88 -16.67
C PHE A 300 -7.48 -9.99 -17.11
N ALA A 301 -7.52 -10.32 -18.42
CA ALA A 301 -8.48 -11.29 -18.93
C ALA A 301 -8.41 -12.64 -18.21
N THR A 302 -7.21 -13.06 -17.80
CA THR A 302 -7.03 -14.34 -17.14
C THR A 302 -7.17 -14.25 -15.63
N THR A 303 -7.54 -13.09 -15.08
CA THR A 303 -7.61 -12.94 -13.63
C THR A 303 -8.99 -13.38 -13.15
N ASP A 304 -8.99 -14.32 -12.20
CA ASP A 304 -10.18 -14.72 -11.45
C ASP A 304 -10.23 -13.83 -10.20
N TRP A 305 -11.01 -12.76 -10.27
CA TRP A 305 -10.97 -11.76 -9.21
C TRP A 305 -11.43 -12.33 -7.87
N ILE A 306 -12.46 -13.17 -7.87
CA ILE A 306 -12.91 -13.75 -6.61
C ILE A 306 -11.87 -14.71 -6.05
N ALA A 307 -11.23 -15.49 -6.92
CA ALA A 307 -10.19 -16.40 -6.43
C ALA A 307 -9.02 -15.61 -5.83
N ILE A 308 -8.68 -14.45 -6.41
CA ILE A 308 -7.65 -13.61 -5.79
C ILE A 308 -8.11 -13.15 -4.42
N TYR A 309 -9.34 -12.63 -4.33
CA TYR A 309 -9.87 -12.19 -3.04
C TYR A 309 -9.88 -13.31 -2.02
N GLN A 310 -10.27 -14.53 -2.43
CA GLN A 310 -10.36 -15.65 -1.51
C GLN A 310 -9.01 -16.26 -1.17
N ARG A 311 -7.94 -15.74 -1.78
CA ARG A 311 -6.57 -16.21 -1.61
C ARG A 311 -6.42 -17.68 -2.02
N LYS A 312 -7.12 -18.05 -3.09
CA LYS A 312 -7.08 -19.42 -3.57
C LYS A 312 -6.15 -19.61 -4.77
N VAL A 313 -5.55 -18.54 -5.26
CA VAL A 313 -4.61 -18.59 -6.38
C VAL A 313 -3.21 -18.84 -5.83
N GLU A 314 -2.50 -19.81 -6.42
CA GLU A 314 -1.14 -20.07 -5.97
C GLU A 314 -0.23 -18.93 -6.41
N ALA A 315 0.49 -18.35 -5.45
CA ALA A 315 1.35 -17.22 -5.75
C ALA A 315 2.50 -17.66 -6.64
N PRO A 316 2.98 -16.79 -7.54
CA PRO A 316 4.12 -17.15 -8.37
C PRO A 316 5.44 -17.11 -7.62
N PHE A 317 5.45 -16.54 -6.41
CA PHE A 317 6.68 -16.43 -5.63
C PHE A 317 6.34 -16.49 -4.15
N ILE A 318 7.07 -17.32 -3.41
CA ILE A 318 6.92 -17.39 -1.96
C ILE A 318 8.27 -17.06 -1.33
N PRO A 319 8.37 -16.04 -0.49
CA PRO A 319 9.65 -15.71 0.13
C PRO A 319 10.19 -16.90 0.93
N LYS A 320 11.51 -16.97 1.03
CA LYS A 320 12.12 -17.97 1.88
C LYS A 320 11.77 -17.69 3.33
N PHE A 321 11.33 -18.72 4.06
CA PHE A 321 10.82 -18.55 5.42
C PHE A 321 11.37 -19.67 6.31
N LYS A 322 12.44 -19.36 7.05
CA LYS A 322 13.03 -20.28 8.01
C LYS A 322 12.28 -20.30 9.35
N GLY A 323 10.95 -20.25 9.32
CA GLY A 323 10.15 -20.42 10.51
C GLY A 323 9.56 -19.14 11.04
N PRO A 324 8.69 -19.25 12.05
CA PRO A 324 8.21 -18.06 12.74
C PRO A 324 9.36 -17.35 13.42
N GLY A 325 9.28 -16.02 13.44
CA GLY A 325 10.34 -15.22 14.01
C GLY A 325 11.53 -14.98 13.09
N ASP A 326 11.51 -15.53 11.88
CA ASP A 326 12.58 -15.28 10.91
C ASP A 326 12.66 -13.80 10.60
N THR A 327 13.87 -13.24 10.66
CA THR A 327 14.13 -11.83 10.45
C THR A 327 14.91 -11.56 9.17
N SER A 328 15.15 -12.59 8.34
CA SER A 328 16.13 -12.49 7.27
C SER A 328 15.75 -11.51 6.17
N ASN A 329 14.45 -11.24 6.00
CA ASN A 329 13.98 -10.33 4.97
C ASN A 329 13.99 -8.87 5.45
N PHE A 330 14.66 -8.58 6.56
CA PHE A 330 14.82 -7.24 7.10
C PHE A 330 16.29 -7.01 7.43
N ASP A 331 16.67 -5.74 7.61
CA ASP A 331 18.07 -5.40 7.84
C ASP A 331 18.42 -5.52 9.33
N ASP A 332 19.66 -5.17 9.67
CA ASP A 332 20.15 -5.24 11.04
C ASP A 332 20.38 -3.83 11.56
N TYR A 333 19.91 -3.55 12.76
CA TYR A 333 19.98 -2.23 13.36
C TYR A 333 20.59 -2.32 14.75
N GLU A 334 21.09 -1.18 15.23
CA GLU A 334 21.52 -1.09 16.62
C GLU A 334 20.30 -1.18 17.52
N GLU A 335 20.39 -1.98 18.57
CA GLU A 335 19.24 -2.24 19.43
C GLU A 335 19.25 -1.23 20.57
N GLU A 336 18.67 -0.06 20.32
CA GLU A 336 18.52 0.94 21.36
C GLU A 336 17.48 0.49 22.38
N GLU A 337 17.51 1.13 23.55
CA GLU A 337 16.58 0.79 24.61
C GLU A 337 15.22 1.45 24.39
N ILE A 338 14.20 0.91 25.04
CA ILE A 338 12.87 1.47 25.03
C ILE A 338 12.58 1.95 26.45
N ARG A 339 12.69 3.25 26.67
CA ARG A 339 12.50 3.83 27.99
C ARG A 339 11.15 4.52 28.07
N VAL A 340 10.48 4.37 29.21
CA VAL A 340 9.22 5.04 29.47
C VAL A 340 9.45 6.15 30.51
N SEP A 341 8.38 6.54 31.20
CA SEP A 341 8.46 7.63 32.17
CB SEP A 341 8.48 8.98 31.44
OG SEP A 341 8.15 10.04 32.32
C SEP A 341 7.32 7.59 33.18
O SEP A 341 7.42 8.16 34.27
P SEP A 341 9.48 10.71 32.95
O1P SEP A 341 9.06 11.98 33.85
O2P SEP A 341 10.23 9.63 33.87
O3P SEP A 341 10.45 11.19 31.76
N CYS A 346 2.68 13.47 27.75
CA CYS A 346 2.20 14.20 26.58
C CYS A 346 0.73 13.85 26.32
N GLY A 347 -0.05 13.78 27.39
CA GLY A 347 -1.41 13.28 27.30
C GLY A 347 -2.30 14.06 26.35
N LYS A 348 -1.99 15.34 26.13
CA LYS A 348 -2.82 16.18 25.28
C LYS A 348 -2.84 15.67 23.85
N GLU A 349 -4.05 15.59 23.29
CA GLU A 349 -4.31 15.25 21.90
C GLU A 349 -4.23 13.75 21.64
N PHE A 350 -3.44 13.02 22.44
CA PHE A 350 -3.36 11.58 22.32
C PHE A 350 -4.43 10.87 23.13
N THR A 351 -5.40 11.62 23.68
CA THR A 351 -6.50 11.03 24.44
C THR A 351 -7.23 9.96 23.64
N GLU A 352 -7.36 10.17 22.33
CA GLU A 352 -8.12 9.25 21.49
C GLU A 352 -7.36 7.97 21.15
N PHE A 353 -6.07 7.89 21.40
CA PHE A 353 -5.32 6.71 20.97
C PHE A 353 -5.72 5.48 21.79
N THR B 1 21.51 3.47 -22.18
CA THR B 1 20.28 2.69 -22.10
C THR B 1 19.46 3.15 -20.91
N THR B 2 18.16 2.81 -20.93
CA THR B 2 17.27 3.21 -19.84
C THR B 2 17.71 2.61 -18.52
N TYR B 3 18.05 1.31 -18.50
CA TYR B 3 18.52 0.69 -17.27
C TYR B 3 19.75 1.41 -16.75
N ALA B 4 20.72 1.68 -17.63
CA ALA B 4 21.91 2.41 -17.20
C ALA B 4 21.55 3.79 -16.65
N ASP B 5 20.60 4.48 -17.29
CA ASP B 5 20.18 5.78 -16.80
C ASP B 5 19.56 5.66 -15.41
N PHE B 6 18.80 4.58 -15.17
CA PHE B 6 18.19 4.37 -13.86
C PHE B 6 19.25 4.22 -12.77
N ILE B 7 20.29 3.41 -13.04
CA ILE B 7 21.37 3.26 -12.06
C ILE B 7 22.04 4.59 -11.81
N ALA B 8 22.25 5.38 -12.88
CA ALA B 8 22.92 6.66 -12.78
C ALA B 8 22.10 7.68 -12.01
N SER B 9 20.78 7.51 -11.96
CA SER B 9 19.91 8.47 -11.29
C SER B 9 20.19 8.57 -9.80
N GLY B 10 20.82 7.56 -9.21
CA GLY B 10 20.98 7.53 -7.76
C GLY B 10 19.69 7.30 -7.00
N ARG B 11 18.61 6.93 -7.69
CA ARG B 11 17.33 6.69 -7.05
C ARG B 11 16.92 5.23 -7.17
N THR B 12 17.87 4.30 -6.94
CA THR B 12 17.55 2.87 -6.95
C THR B 12 17.24 2.31 -5.57
N GLY B 13 17.54 3.05 -4.50
CA GLY B 13 17.29 2.59 -3.15
C GLY B 13 15.88 2.96 -2.69
N ARG B 14 15.60 2.65 -1.43
CA ARG B 14 14.24 2.92 -0.95
C ARG B 14 14.02 4.42 -0.95
N ARG B 15 12.83 4.83 -1.40
CA ARG B 15 12.50 6.23 -1.65
C ARG B 15 11.63 6.80 -0.52
N ASN B 16 12.04 7.95 0.02
CA ASN B 16 11.26 8.62 1.04
C ASN B 16 10.09 9.37 0.42
N ALA B 17 9.02 9.50 1.20
CA ALA B 17 7.96 10.40 0.80
C ALA B 17 8.41 11.85 0.93
N ILE B 18 7.69 12.75 0.27
CA ILE B 18 7.94 14.17 0.38
C ILE B 18 7.56 14.64 1.78
C11 T7W C . 9.30 -0.59 7.24
C12 T7W C . 8.90 -0.34 8.70
C13 T7W C . 7.79 -1.28 9.08
C14 T7W C . 6.56 -2.94 9.31
C15 T7W C . 6.14 -4.34 9.37
C16 T7W C . 7.04 -5.37 9.11
C17 T7W C . 6.61 -6.67 9.18
C18 T7W C . 4.49 -6.02 9.74
C10 T7W C . 8.28 0.07 6.35
C1 T7W C . 8.64 3.60 11.46
N T7W C . 8.55 1.08 8.89
C T7W C . 9.87 3.39 12.32
O T7W C . 10.35 5.99 10.81
C19 T7W C . 4.84 -4.68 9.70
C2 T7W C . 7.49 2.74 11.97
C3 T7W C . 8.23 5.10 11.50
C4 T7W C . 9.14 6.04 10.76
C5 T7W C . 8.93 3.26 9.97
C6 T7W C . 9.32 1.82 9.71
C7 T7W C . 7.39 1.60 8.15
C8 T7W C . 7.45 1.06 6.75
C9 T7W C . 7.15 0.65 4.62
N1 T7W C . 6.74 1.42 5.64
N2 T7W C . 8.10 -0.21 5.00
N3 T7W C . 7.82 -2.56 8.91
N4 T7W C . 5.35 -7.01 9.49
N5 T7W C . 5.79 -1.95 9.70
O1 T7W C . 8.48 6.91 10.04
O2 T7W C . 10.33 1.35 10.19
O3 T7W C . 6.63 -0.82 9.56
#